data_9LCR
#
_entry.id   9LCR
#
_cell.length_a   1.00
_cell.length_b   1.00
_cell.length_c   1.00
_cell.angle_alpha   90.00
_cell.angle_beta   90.00
_cell.angle_gamma   90.00
#
_symmetry.space_group_name_H-M   'P 1'
#
loop_
_entity.id
_entity.type
_entity.pdbx_description
1 polymer 'RNA (578-MER)'
2 non-polymer 'MAGNESIUM ION'
#
_entity_poly.entity_id   1
_entity_poly.type   'polyribonucleotide'
_entity_poly.pdbx_seq_one_letter_code
;GGUGCAGUAUUCUAGUCAGGUAAGUAUAUCUUGAAGGCGGGGCUAAAAAUCCGCUAAAGGGCACAUCGAUGAAGCUUCUG
GUGCUGGCUUACGACGCCCAGUUGUGGGCUGGUGCUGGGAGAAAGAAGGCUGGGGCAAUCACAAAGGCAUGUGGCAACUG
ACCCUACCUUCGUGGAGGCCAUUGAUUGUGUAUAGGGAGAGAUUCCCUAUGGACGACAAUGGAUUAAACCUGCAAUGUGG
CGAGCAGCUAUGUGCAGUGUAGCCUGCCUUGAGUGGUGGGGGGAGAGGUUAAGUUUAAAUCUAAAGGUUAGGCCAAACCU
UUAGGCUAUUGCUUGCUGAAACCUCCAUUGCAAAAGAGGCUAGAGAUAUACCCAACUGCCGAGGAAAUCUCCUAGACUGU
UCUAUACGAGGUAUAUUGGGGAUUACAGUGCGGACUAAGUGGCAAUCCAGUCCUAUUUCUGGUGACAGGGUAGGUAAAGC
AUUAAAGGGAAACCGUCAAAAUGGCGACAUUUUGAUUGUUUUACGGGAAAUCCUACUGGACCUAAGCCGCAAGGUUUACU
CAAUACACUACCACCUUU
;
_entity_poly.pdbx_strand_id   A,B
#